data_6OOO
#
_entry.id   6OOO
#
_cell.length_a   66.370
_cell.length_b   66.850
_cell.length_c   85.390
_cell.angle_alpha   90.00
_cell.angle_beta   90.00
_cell.angle_gamma   90.00
#
_symmetry.space_group_name_H-M   'P 21 21 21'
#
loop_
_entity.id
_entity.type
_entity.pdbx_description
1 polymer 'HIV-1 LM/HT Clade A/E CRF01 gp120'
2 non-polymer 2-acetamido-2-deoxy-beta-D-glucopyranose
3 non-polymer (3S,5R)-5-amino-N~3~-(4-chloro-3-fluorophenyl)-N~1~-propylpiperidine-1,3-dicarboxamide
4 non-polymer '4-(2-HYDROXYETHYL)-1-PIPERAZINE ETHANESULFONIC ACID'
5 water water
#
_entity_poly.entity_id   1
_entity_poly.type   'polypeptide(L)'
_entity_poly.pdbx_seq_one_letter_code
;VPVWKDADTTLFCASDAKAYETEVHNVWATHACVPTDPNPQEIHLENVTENFNMWKNNMVEQMHEDIISLWDQSLQPCVK
LTGGSVIKQACPKISFDPIPIHYCTPAGYVILKCNDKNFNGTGPCKNVSSVQCTHGIKPVVSTQLLLNGSLAEEEIIIRS
ENLTNNAKTIIVHLNKSVEINCTRPSNGGSGSGGDIRKAYCEINGTKWNKVLKQVTEKLKEHFNNKTIIFQPPSGGDLEI
TMHTFNCRGEFFYCNTTQLFNNTCIGNETMKGCNGTITLPCKIKQIINMWQGTGQAMYAPPIDGKINCVSNITGILLTRD
GGANNTSNETFRPGGGDMRDNWRSELYKYKVVQIE
;
_entity_poly.pdbx_strand_id   A
#
# COMPACT_ATOMS: atom_id res chain seq x y z
N PRO A 2 5.79 19.94 -28.15
CA PRO A 2 6.28 19.26 -26.94
C PRO A 2 7.01 17.97 -27.27
N VAL A 3 8.23 17.75 -26.77
CA VAL A 3 8.91 16.47 -26.96
C VAL A 3 9.78 16.16 -25.75
N TRP A 4 9.83 14.88 -25.39
CA TRP A 4 10.44 14.41 -24.16
C TRP A 4 11.05 13.04 -24.40
N LYS A 5 11.92 12.63 -23.48
CA LYS A 5 12.47 11.28 -23.46
C LYS A 5 12.35 10.72 -22.05
N ASP A 6 12.52 9.41 -21.94
CA ASP A 6 12.44 8.73 -20.66
C ASP A 6 13.60 9.16 -19.76
N ALA A 7 13.28 9.50 -18.50
CA ALA A 7 14.32 10.00 -17.62
C ALA A 7 13.95 9.83 -16.16
N ASP A 8 14.98 9.62 -15.33
CA ASP A 8 14.88 9.64 -13.88
C ASP A 8 15.52 10.94 -13.36
N THR A 9 14.88 11.55 -12.37
CA THR A 9 15.46 12.74 -11.74
C THR A 9 14.97 12.81 -10.30
N THR A 10 15.70 13.56 -9.47
CA THR A 10 15.32 13.70 -8.08
C THR A 10 14.08 14.57 -7.97
N LEU A 11 13.02 14.02 -7.40
CA LEU A 11 11.79 14.77 -7.24
C LEU A 11 11.77 15.45 -5.88
N PHE A 12 10.91 16.46 -5.77
CA PHE A 12 10.57 17.06 -4.49
C PHE A 12 9.13 16.73 -4.16
N CYS A 13 8.73 17.03 -2.92
CA CYS A 13 7.40 16.68 -2.45
C CYS A 13 6.62 17.90 -2.00
N ALA A 14 5.29 17.78 -2.06
CA ALA A 14 4.39 18.86 -1.68
C ALA A 14 3.23 18.30 -0.88
N SER A 15 2.74 19.09 0.08
CA SER A 15 1.77 18.60 1.05
C SER A 15 0.81 19.72 1.43
N ASP A 16 -0.29 19.32 2.05
CA ASP A 16 -1.16 20.24 2.77
C ASP A 16 -0.84 20.23 4.26
N ALA A 17 0.37 19.77 4.62
CA ALA A 17 0.78 19.69 6.02
C ALA A 17 0.51 20.99 6.77
N LYS A 18 0.01 20.86 7.99
CA LYS A 18 -0.26 22.01 8.84
C LYS A 18 0.89 22.20 9.80
N ALA A 19 1.47 23.42 9.79
CA ALA A 19 2.68 23.71 10.54
C ALA A 19 2.45 23.74 12.04
N TYR A 20 1.21 23.93 12.48
CA TYR A 20 0.91 23.94 13.90
C TYR A 20 0.73 22.53 14.47
N GLU A 21 0.68 21.53 13.61
CA GLU A 21 0.39 20.17 14.03
C GLU A 21 1.59 19.51 14.69
N THR A 22 1.35 18.69 15.71
CA THR A 22 2.38 17.83 16.25
C THR A 22 2.40 16.45 15.61
N GLU A 23 1.41 16.14 14.78
CA GLU A 23 1.35 14.86 14.06
C GLU A 23 2.57 14.67 13.17
N VAL A 24 3.12 13.46 13.15
CA VAL A 24 4.48 13.27 12.65
C VAL A 24 4.56 13.42 11.13
N HIS A 25 3.49 13.07 10.42
CA HIS A 25 3.51 13.25 8.97
C HIS A 25 3.43 14.73 8.61
N ASN A 26 2.66 15.50 9.37
CA ASN A 26 2.64 16.95 9.18
C ASN A 26 3.99 17.56 9.53
N VAL A 27 4.58 17.14 10.65
CA VAL A 27 5.89 17.67 11.05
C VAL A 27 6.90 17.43 9.94
N TRP A 28 6.90 16.23 9.37
CA TRP A 28 7.89 15.87 8.35
C TRP A 28 7.66 16.67 7.07
N ALA A 29 6.43 16.64 6.55
CA ALA A 29 6.15 17.34 5.31
C ALA A 29 6.23 18.85 5.44
N THR A 30 6.18 19.39 6.67
CA THR A 30 6.37 20.82 6.82
C THR A 30 7.82 21.22 6.61
N HIS A 31 8.76 20.40 7.10
CA HIS A 31 10.18 20.71 6.94
C HIS A 31 10.84 20.02 5.75
N ALA A 32 10.18 19.06 5.11
CA ALA A 32 10.78 18.34 3.99
C ALA A 32 10.02 18.47 2.68
N CYS A 33 8.86 19.12 2.68
CA CYS A 33 8.09 19.35 1.46
C CYS A 33 7.68 20.82 1.38
N VAL A 34 7.36 21.25 0.16
CA VAL A 34 6.86 22.59 -0.09
C VAL A 34 5.34 22.53 -0.03
N PRO A 35 4.62 23.67 -0.02
CA PRO A 35 3.16 23.59 -0.04
C PRO A 35 2.64 23.04 -1.36
N THR A 36 1.46 22.45 -1.28
CA THR A 36 0.79 21.89 -2.44
C THR A 36 0.64 22.93 -3.55
N ASP A 37 0.76 22.49 -4.80
CA ASP A 37 0.55 23.31 -5.98
C ASP A 37 -0.80 24.03 -5.87
N PRO A 38 -0.82 25.36 -5.81
CA PRO A 38 -2.10 26.07 -5.66
C PRO A 38 -2.87 26.17 -6.96
N ASN A 39 -2.21 26.00 -8.09
CA ASN A 39 -2.85 26.01 -9.41
C ASN A 39 -2.29 24.86 -10.22
N PRO A 40 -2.68 23.62 -9.91
CA PRO A 40 -2.21 22.47 -10.69
C PRO A 40 -2.98 22.38 -12.00
N GLN A 41 -2.26 22.22 -13.09
CA GLN A 41 -2.87 22.14 -14.41
C GLN A 41 -2.60 20.76 -15.00
N GLU A 42 -3.65 20.08 -15.41
CA GLU A 42 -3.53 18.81 -16.12
C GLU A 42 -3.75 19.08 -17.60
N ILE A 43 -2.83 18.57 -18.41
CA ILE A 43 -2.72 18.93 -19.82
C ILE A 43 -2.80 17.64 -20.62
N HIS A 44 -3.91 17.45 -21.34
CA HIS A 44 -4.05 16.26 -22.15
C HIS A 44 -3.17 16.35 -23.38
N LEU A 45 -2.46 15.27 -23.67
CA LEU A 45 -1.60 15.21 -24.85
C LEU A 45 -2.34 14.47 -25.95
N GLU A 46 -2.81 15.21 -26.94
CA GLU A 46 -3.78 14.66 -27.88
C GLU A 46 -3.12 13.71 -28.89
N ASN A 47 -3.73 12.54 -29.03
CA ASN A 47 -3.32 11.42 -29.87
C ASN A 47 -1.85 11.03 -29.69
N VAL A 48 -1.36 11.19 -28.47
CA VAL A 48 -0.10 10.62 -28.02
C VAL A 48 -0.41 9.27 -27.37
N THR A 49 0.31 8.23 -27.78
CA THR A 49 0.33 6.98 -27.03
C THR A 49 1.72 6.78 -26.45
N GLU A 50 1.75 6.58 -25.14
CA GLU A 50 2.97 6.48 -24.37
C GLU A 50 2.99 5.13 -23.68
N ASN A 51 4.18 4.57 -23.51
CA ASN A 51 4.34 3.31 -22.83
C ASN A 51 4.74 3.56 -21.38
N PHE A 52 4.27 2.69 -20.50
CA PHE A 52 4.48 2.81 -19.06
C PHE A 52 4.98 1.47 -18.54
N ASN A 53 5.63 1.51 -17.39
CA ASN A 53 6.07 0.29 -16.72
C ASN A 53 6.14 0.59 -15.22
N MET A 54 5.10 0.16 -14.49
CA MET A 54 5.02 0.44 -13.07
C MET A 54 6.07 -0.32 -12.27
N TRP A 55 6.54 -1.45 -12.79
CA TRP A 55 7.54 -2.23 -12.08
C TRP A 55 8.96 -1.72 -12.31
N LYS A 56 9.13 -0.77 -13.22
CA LYS A 56 10.44 -0.24 -13.61
C LYS A 56 10.38 1.27 -13.52
N ASN A 57 10.02 1.80 -12.34
CA ASN A 57 9.67 3.21 -12.21
C ASN A 57 10.39 3.79 -10.99
N ASN A 58 11.29 4.74 -11.25
CA ASN A 58 12.19 5.24 -10.21
C ASN A 58 11.47 6.03 -9.13
N MET A 59 10.28 6.57 -9.44
CA MET A 59 9.55 7.29 -8.41
C MET A 59 9.19 6.39 -7.23
N VAL A 60 9.05 5.10 -7.47
CA VAL A 60 8.74 4.18 -6.39
C VAL A 60 9.89 4.16 -5.38
N GLU A 61 11.13 3.97 -5.85
CA GLU A 61 12.26 3.95 -4.92
C GLU A 61 12.48 5.31 -4.28
N GLN A 62 12.12 6.38 -4.98
CA GLN A 62 12.22 7.72 -4.39
C GLN A 62 11.23 7.88 -3.24
N MET A 63 9.94 7.56 -3.49
CA MET A 63 8.94 7.63 -2.42
C MET A 63 9.33 6.71 -1.25
N HIS A 64 9.95 5.58 -1.56
CA HIS A 64 10.41 4.64 -0.53
C HIS A 64 11.44 5.29 0.38
N GLU A 65 12.46 5.93 -0.19
CA GLU A 65 13.48 6.62 0.62
C GLU A 65 12.84 7.68 1.49
N ASP A 66 11.81 8.37 0.98
CA ASP A 66 11.10 9.38 1.77
C ASP A 66 10.43 8.75 2.99
N ILE A 67 9.67 7.68 2.78
CA ILE A 67 8.87 7.11 3.86
C ILE A 67 9.77 6.48 4.91
N ILE A 68 10.93 5.96 4.50
CA ILE A 68 11.91 5.47 5.47
C ILE A 68 12.45 6.60 6.33
N SER A 69 12.82 7.73 5.72
CA SER A 69 13.32 8.85 6.51
C SER A 69 12.20 9.48 7.32
N LEU A 70 10.96 9.46 6.82
CA LEU A 70 9.83 9.88 7.63
C LEU A 70 9.70 9.01 8.88
N TRP A 71 9.84 7.69 8.73
CA TRP A 71 9.68 6.82 9.90
C TRP A 71 10.88 6.92 10.84
N ASP A 72 12.08 7.15 10.31
CA ASP A 72 13.26 7.21 11.18
C ASP A 72 13.21 8.44 12.08
N GLN A 73 12.69 9.55 11.58
CA GLN A 73 12.57 10.77 12.36
C GLN A 73 11.32 10.81 13.24
N SER A 74 10.27 10.07 12.86
CA SER A 74 8.97 10.23 13.48
C SER A 74 8.78 9.33 14.69
N LEU A 75 9.17 8.07 14.55
CA LEU A 75 8.92 7.08 15.58
C LEU A 75 10.11 6.99 16.53
N GLN A 76 9.81 6.90 17.82
CA GLN A 76 10.83 6.80 18.86
C GLN A 76 10.61 5.53 19.66
N PRO A 77 11.28 4.43 19.31
CA PRO A 77 11.18 3.22 20.13
C PRO A 77 12.00 3.37 21.40
N CYS A 78 11.60 2.63 22.44
CA CYS A 78 12.38 2.63 23.67
C CYS A 78 13.73 1.95 23.46
N VAL A 79 13.78 0.96 22.58
CA VAL A 79 15.03 0.24 22.30
C VAL A 79 15.05 -0.13 20.82
N LYS A 80 16.18 0.11 20.18
CA LYS A 80 16.45 -0.36 18.82
C LYS A 80 17.48 -1.47 18.87
N LEU A 81 17.15 -2.57 18.19
CA LEU A 81 18.03 -3.77 18.07
C LEU A 81 18.50 -3.83 16.62
N THR A 82 19.66 -3.22 16.34
CA THR A 82 20.21 -3.11 14.99
C THR A 82 21.68 -3.51 15.01
N GLY A 83 22.05 -4.35 14.03
CA GLY A 83 23.44 -4.70 13.79
C GLY A 83 24.29 -5.00 15.02
N GLY A 84 23.73 -5.68 16.02
CA GLY A 84 24.55 -6.15 17.13
C GLY A 84 24.96 -5.10 18.14
N SER A 85 24.12 -4.09 18.31
CA SER A 85 24.30 -3.04 19.30
C SER A 85 22.90 -2.65 19.74
N VAL A 86 22.79 -2.06 20.92
CA VAL A 86 21.49 -1.72 21.46
C VAL A 86 21.48 -0.27 21.88
N ILE A 87 20.65 0.52 21.20
CA ILE A 87 20.46 1.92 21.54
C ILE A 87 19.08 2.04 22.17
N LYS A 88 19.03 2.68 23.33
CA LYS A 88 17.79 2.83 24.09
C LYS A 88 17.58 4.31 24.35
N GLN A 89 16.43 4.81 23.93
CA GLN A 89 16.09 6.23 24.06
C GLN A 89 14.72 6.33 24.73
N ALA A 90 14.21 7.55 24.83
CA ALA A 90 12.87 7.74 25.38
C ALA A 90 11.83 7.49 24.30
N CYS A 91 10.73 6.84 24.69
CA CYS A 91 9.67 6.44 23.76
C CYS A 91 8.35 7.06 24.18
N PRO A 92 8.20 8.37 24.03
CA PRO A 92 6.91 9.00 24.29
C PRO A 92 5.92 8.66 23.18
N LYS A 93 4.64 8.59 23.53
CA LYS A 93 3.62 8.33 22.54
C LYS A 93 3.54 9.49 21.55
N ILE A 94 3.38 9.18 20.27
CA ILE A 94 3.34 10.18 19.22
C ILE A 94 1.98 10.16 18.55
N SER A 95 1.70 11.21 17.78
CA SER A 95 0.48 11.33 16.99
C SER A 95 0.79 10.93 15.56
N PHE A 96 0.06 9.93 15.05
CA PHE A 96 0.35 9.27 13.79
C PHE A 96 -0.93 9.17 12.99
N ASP A 97 -0.99 9.88 11.86
CA ASP A 97 -2.07 9.77 10.89
C ASP A 97 -1.59 10.28 9.53
N PRO A 98 -1.34 9.37 8.58
CA PRO A 98 -0.69 9.78 7.32
C PRO A 98 -1.50 10.79 6.51
N ILE A 99 -0.78 11.69 5.85
CA ILE A 99 -1.41 12.68 4.98
C ILE A 99 -0.95 12.47 3.53
N PRO A 100 -1.77 12.88 2.55
CA PRO A 100 -1.38 12.72 1.15
C PRO A 100 -0.10 13.48 0.83
N ILE A 101 0.76 12.88 0.01
CA ILE A 101 2.00 13.47 -0.42
C ILE A 101 2.02 13.53 -1.95
N HIS A 102 2.22 14.73 -2.49
CA HIS A 102 2.36 14.92 -3.93
C HIS A 102 3.84 14.87 -4.30
N TYR A 103 4.13 14.19 -5.40
CA TYR A 103 5.49 14.09 -5.92
C TYR A 103 5.59 14.89 -7.21
N CYS A 104 6.62 15.74 -7.29
CA CYS A 104 6.73 16.79 -8.30
C CYS A 104 8.12 16.77 -8.92
N THR A 105 8.15 17.06 -10.23
CA THR A 105 9.38 17.12 -11.02
C THR A 105 10.00 18.52 -10.95
N PRO A 106 11.33 18.61 -10.95
CA PRO A 106 11.97 19.94 -11.05
C PRO A 106 11.90 20.52 -12.46
N ALA A 107 12.65 21.58 -12.72
CA ALA A 107 12.58 22.25 -14.01
C ALA A 107 13.18 21.38 -15.10
N GLY A 108 12.53 21.37 -16.26
CA GLY A 108 12.99 20.58 -17.38
C GLY A 108 12.46 19.16 -17.41
N TYR A 109 11.70 18.76 -16.40
CA TYR A 109 11.05 17.46 -16.39
C TYR A 109 9.55 17.66 -16.19
N VAL A 110 8.80 16.63 -16.53
CA VAL A 110 7.35 16.64 -16.39
C VAL A 110 6.93 15.22 -16.08
N ILE A 111 5.76 15.08 -15.47
CA ILE A 111 5.18 13.79 -15.14
C ILE A 111 4.07 13.51 -16.14
N LEU A 112 4.09 12.31 -16.67
CA LEU A 112 3.04 11.85 -17.60
C LEU A 112 2.13 10.93 -16.81
N LYS A 113 0.85 10.97 -17.13
CA LYS A 113 -0.14 10.23 -16.36
C LYS A 113 -0.98 9.42 -17.32
N CYS A 114 -1.08 8.12 -17.08
CA CYS A 114 -1.95 7.29 -17.88
C CYS A 114 -3.37 7.40 -17.36
N ASN A 115 -4.33 7.64 -18.26
CA ASN A 115 -5.71 7.75 -17.86
C ASN A 115 -6.62 6.70 -18.50
N ASP A 116 -6.07 5.67 -19.14
CA ASP A 116 -6.97 4.63 -19.63
C ASP A 116 -7.43 3.75 -18.47
N LYS A 117 -8.75 3.61 -18.34
CA LYS A 117 -9.37 3.16 -17.09
C LYS A 117 -8.89 1.78 -16.69
N ASN A 118 -8.65 0.91 -17.66
CA ASN A 118 -8.30 -0.48 -17.37
C ASN A 118 -6.84 -0.78 -17.70
N PHE A 119 -5.99 0.25 -17.64
CA PHE A 119 -4.55 0.09 -17.74
C PHE A 119 -4.04 -0.84 -16.65
N ASN A 120 -3.14 -1.76 -17.00
CA ASN A 120 -2.71 -2.68 -15.97
C ASN A 120 -1.35 -2.34 -15.36
N GLY A 121 -0.67 -1.32 -15.85
CA GLY A 121 0.61 -0.91 -15.30
C GLY A 121 1.80 -1.07 -16.23
N THR A 122 1.71 -1.96 -17.22
CA THR A 122 2.74 -2.09 -18.24
C THR A 122 2.09 -2.06 -19.61
N GLY A 123 2.80 -1.49 -20.59
CA GLY A 123 2.30 -1.42 -21.94
C GLY A 123 1.90 -0.03 -22.36
N PRO A 124 1.24 0.08 -23.51
CA PRO A 124 0.88 1.39 -24.06
C PRO A 124 -0.36 1.96 -23.39
N CYS A 125 -0.35 3.28 -23.18
CA CYS A 125 -1.49 4.04 -22.72
C CYS A 125 -1.84 5.07 -23.78
N LYS A 126 -3.09 5.04 -24.27
CA LYS A 126 -3.57 5.91 -25.34
C LYS A 126 -4.26 7.17 -24.81
N ASN A 127 -4.43 7.30 -23.50
CA ASN A 127 -5.09 8.45 -22.88
C ASN A 127 -4.09 9.08 -21.91
N VAL A 128 -3.18 9.88 -22.43
CA VAL A 128 -2.07 10.40 -21.64
C VAL A 128 -2.28 11.89 -21.37
N SER A 129 -1.93 12.30 -20.17
CA SER A 129 -1.89 13.68 -19.77
C SER A 129 -0.50 14.00 -19.21
N SER A 130 -0.21 15.29 -19.10
CA SER A 130 1.00 15.78 -18.47
C SER A 130 0.62 16.55 -17.22
N VAL A 131 1.30 16.27 -16.11
CA VAL A 131 1.07 16.97 -14.86
C VAL A 131 2.42 17.40 -14.29
N GLN A 132 2.36 18.33 -13.34
CA GLN A 132 3.54 18.81 -12.64
C GLN A 132 3.80 18.06 -11.33
N CYS A 133 2.75 17.49 -10.73
CA CYS A 133 2.84 16.71 -9.50
C CYS A 133 1.81 15.60 -9.57
N THR A 134 2.15 14.44 -9.02
CA THR A 134 1.13 13.42 -8.84
C THR A 134 0.03 13.92 -7.91
N HIS A 135 -1.07 13.18 -7.87
CA HIS A 135 -2.10 13.43 -6.89
C HIS A 135 -1.60 13.09 -5.49
N GLY A 136 -2.36 13.53 -4.49
CA GLY A 136 -1.98 13.29 -3.11
C GLY A 136 -2.00 11.80 -2.79
N ILE A 137 -0.87 11.27 -2.34
CA ILE A 137 -0.74 9.86 -2.03
C ILE A 137 -0.42 9.71 -0.56
N LYS A 138 -1.21 8.92 0.14
CA LYS A 138 -0.97 8.61 1.54
C LYS A 138 0.07 7.49 1.65
N PRO A 139 1.12 7.66 2.45
CA PRO A 139 2.14 6.60 2.64
C PRO A 139 1.72 5.56 3.66
N VAL A 140 0.73 4.75 3.30
CA VAL A 140 0.17 3.79 4.24
C VAL A 140 1.04 2.54 4.26
N VAL A 141 1.77 2.36 5.36
CA VAL A 141 2.59 1.17 5.57
C VAL A 141 1.69 0.04 6.04
N SER A 142 1.76 -1.10 5.36
CA SER A 142 0.79 -2.17 5.54
C SER A 142 1.37 -3.47 4.98
N THR A 143 0.85 -4.60 5.46
CA THR A 143 1.04 -5.87 4.77
C THR A 143 -0.32 -6.54 4.54
N GLN A 144 -0.34 -7.41 3.52
CA GLN A 144 -1.50 -8.16 3.04
C GLN A 144 -2.55 -7.31 2.31
N LEU A 145 -3.07 -6.27 2.94
CA LEU A 145 -4.08 -5.43 2.31
C LEU A 145 -3.56 -4.02 2.09
N LEU A 146 -3.90 -3.43 0.96
CA LEU A 146 -3.63 -2.03 0.69
C LEU A 146 -4.77 -1.21 1.29
N LEU A 147 -4.41 -0.22 2.12
CA LEU A 147 -5.38 0.55 2.88
C LEU A 147 -5.36 2.01 2.47
N ASN A 148 -6.54 2.61 2.37
CA ASN A 148 -6.70 4.05 2.19
C ASN A 148 -6.10 4.56 0.89
N GLY A 149 -6.01 3.71 -0.13
CA GLY A 149 -5.52 4.10 -1.43
C GLY A 149 -6.65 4.47 -2.38
N SER A 150 -6.28 4.65 -3.64
CA SER A 150 -7.24 4.99 -4.67
C SER A 150 -7.87 3.72 -5.26
N LEU A 151 -8.93 3.91 -6.03
CA LEU A 151 -9.68 2.82 -6.62
C LEU A 151 -9.48 2.79 -8.14
N ALA A 152 -9.55 1.60 -8.71
CA ALA A 152 -9.66 1.46 -10.14
C ALA A 152 -11.01 1.97 -10.60
N GLU A 153 -11.03 2.60 -11.78
CA GLU A 153 -12.21 3.36 -12.15
C GLU A 153 -13.29 2.53 -12.83
N GLU A 154 -12.97 1.33 -13.33
CA GLU A 154 -13.97 0.50 -13.98
C GLU A 154 -13.92 -0.88 -13.39
N GLU A 155 -13.31 -1.85 -14.06
CA GLU A 155 -13.15 -3.22 -13.61
C GLU A 155 -12.02 -3.31 -12.58
N ILE A 156 -12.03 -4.40 -11.82
CA ILE A 156 -10.90 -4.73 -10.96
C ILE A 156 -9.70 -5.09 -11.82
N ILE A 157 -8.53 -4.57 -11.46
CA ILE A 157 -7.31 -4.75 -12.24
C ILE A 157 -6.34 -5.66 -11.50
N ILE A 158 -5.73 -6.58 -12.24
CA ILE A 158 -4.64 -7.42 -11.77
C ILE A 158 -3.34 -6.82 -12.30
N ARG A 159 -2.40 -6.53 -11.40
CA ARG A 159 -1.10 -5.99 -11.77
C ARG A 159 0.01 -6.93 -11.32
N SER A 160 0.91 -7.24 -12.23
CA SER A 160 2.07 -8.08 -11.97
C SER A 160 3.13 -7.75 -13.00
N GLU A 161 4.40 -7.84 -12.59
CA GLU A 161 5.47 -7.75 -13.57
C GLU A 161 5.44 -8.95 -14.50
N ASN A 162 5.07 -10.11 -13.98
CA ASN A 162 5.10 -11.34 -14.76
C ASN A 162 4.20 -12.35 -14.04
N LEU A 163 2.96 -12.49 -14.53
CA LEU A 163 1.99 -13.38 -13.91
C LEU A 163 2.40 -14.84 -13.99
N THR A 164 3.19 -15.21 -14.99
CA THR A 164 3.67 -16.58 -15.06
C THR A 164 4.87 -16.83 -14.17
N ASN A 165 5.49 -15.78 -13.62
CA ASN A 165 6.50 -15.92 -12.58
C ASN A 165 5.82 -15.87 -11.22
N ASN A 166 5.94 -16.96 -10.46
CA ASN A 166 5.23 -17.06 -9.19
C ASN A 166 5.91 -16.27 -8.08
N ALA A 167 7.16 -15.86 -8.28
CA ALA A 167 7.89 -15.05 -7.31
C ALA A 167 7.57 -13.57 -7.41
N LYS A 168 6.81 -13.15 -8.41
CA LYS A 168 6.46 -11.75 -8.57
C LYS A 168 5.13 -11.47 -7.88
N THR A 169 5.13 -10.48 -7.01
CA THR A 169 3.91 -10.11 -6.29
C THR A 169 2.83 -9.67 -7.25
N ILE A 170 1.58 -9.96 -6.89
CA ILE A 170 0.40 -9.51 -7.63
C ILE A 170 -0.31 -8.44 -6.82
N ILE A 171 -0.62 -7.32 -7.46
CA ILE A 171 -1.39 -6.24 -6.86
C ILE A 171 -2.80 -6.30 -7.41
N VAL A 172 -3.77 -6.50 -6.54
CA VAL A 172 -5.18 -6.51 -6.94
C VAL A 172 -5.73 -5.12 -6.65
N HIS A 173 -6.12 -4.40 -7.69
CA HIS A 173 -6.72 -3.07 -7.55
C HIS A 173 -8.24 -3.23 -7.58
N LEU A 174 -8.89 -2.99 -6.44
CA LEU A 174 -10.33 -3.09 -6.36
C LEU A 174 -11.00 -1.87 -6.97
N ASN A 175 -12.18 -2.09 -7.56
CA ASN A 175 -13.02 -0.99 -8.00
C ASN A 175 -14.04 -0.58 -6.95
N LYS A 176 -14.02 -1.22 -5.78
CA LYS A 176 -15.00 -0.99 -4.74
C LYS A 176 -14.31 -1.13 -3.39
N SER A 177 -14.27 -0.05 -2.62
CA SER A 177 -13.68 -0.10 -1.29
C SER A 177 -14.53 -0.93 -0.35
N VAL A 178 -13.87 -1.62 0.56
CA VAL A 178 -14.51 -2.42 1.59
C VAL A 178 -13.97 -1.93 2.92
N GLU A 179 -14.86 -1.53 3.82
CA GLU A 179 -14.40 -0.91 5.05
C GLU A 179 -13.95 -1.97 6.04
N ILE A 180 -12.85 -1.67 6.72
CA ILE A 180 -12.30 -2.52 7.78
C ILE A 180 -12.16 -1.65 9.01
N ASN A 181 -12.92 -1.97 10.06
CA ASN A 181 -13.06 -1.12 11.24
C ASN A 181 -12.39 -1.84 12.39
N CYS A 182 -11.24 -1.31 12.81
CA CYS A 182 -10.36 -1.96 13.79
C CYS A 182 -10.42 -1.21 15.12
N THR A 183 -10.73 -1.94 16.17
CA THR A 183 -10.90 -1.34 17.48
C THR A 183 -10.14 -2.13 18.54
N ARG A 184 -9.44 -1.39 19.40
CA ARG A 184 -8.94 -1.89 20.68
C ARG A 184 -9.82 -1.23 21.73
N PRO A 185 -10.76 -1.95 22.35
CA PRO A 185 -11.74 -1.29 23.21
C PRO A 185 -11.14 -0.74 24.49
N SER A 186 -11.95 0.07 25.17
CA SER A 186 -11.61 0.59 26.49
C SER A 186 -11.83 -0.47 27.58
N ASP A 195 -6.65 -7.97 28.67
CA ASP A 195 -5.34 -7.61 28.15
C ASP A 195 -5.47 -6.42 27.18
N ILE A 196 -4.60 -5.42 27.37
CA ILE A 196 -4.72 -4.16 26.65
C ILE A 196 -4.24 -4.26 25.20
N ARG A 197 -3.59 -5.36 24.83
CA ARG A 197 -3.12 -5.52 23.47
C ARG A 197 -4.12 -6.21 22.56
N LYS A 198 -5.19 -6.80 23.12
CA LYS A 198 -6.13 -7.51 22.27
C LYS A 198 -7.12 -6.55 21.63
N ALA A 199 -7.30 -6.69 20.33
CA ALA A 199 -8.13 -5.82 19.51
C ALA A 199 -8.86 -6.67 18.48
N TYR A 200 -9.65 -6.03 17.61
CA TYR A 200 -10.39 -6.76 16.60
C TYR A 200 -10.80 -5.84 15.46
N CYS A 201 -10.81 -6.40 14.24
CA CYS A 201 -11.23 -5.70 13.02
C CYS A 201 -12.54 -6.28 12.51
N GLU A 202 -13.53 -5.42 12.27
CA GLU A 202 -14.82 -5.82 11.75
C GLU A 202 -14.88 -5.52 10.25
N ILE A 203 -15.34 -6.48 9.45
CA ILE A 203 -15.50 -6.32 8.02
C ILE A 203 -16.91 -6.77 7.64
N ASN A 204 -17.54 -6.06 6.72
CA ASN A 204 -18.79 -6.52 6.15
C ASN A 204 -18.53 -7.77 5.34
N GLY A 205 -18.95 -8.93 5.85
CA GLY A 205 -18.74 -10.18 5.13
C GLY A 205 -19.41 -10.20 3.78
N THR A 206 -20.66 -9.73 3.72
CA THR A 206 -21.38 -9.65 2.45
C THR A 206 -20.57 -8.90 1.42
N LYS A 207 -20.15 -7.70 1.77
CA LYS A 207 -19.34 -6.87 0.88
C LYS A 207 -18.06 -7.59 0.46
N TRP A 208 -17.31 -8.12 1.42
CA TRP A 208 -15.99 -8.67 1.12
C TRP A 208 -16.06 -9.93 0.28
N ASN A 209 -17.01 -10.81 0.59
CA ASN A 209 -17.11 -12.06 -0.16
C ASN A 209 -17.60 -11.81 -1.58
N LYS A 210 -18.42 -10.78 -1.75
CA LYS A 210 -18.85 -10.34 -3.08
C LYS A 210 -17.67 -9.86 -3.92
N VAL A 211 -16.81 -9.05 -3.33
CA VAL A 211 -15.67 -8.49 -4.04
C VAL A 211 -14.66 -9.58 -4.35
N LEU A 212 -14.41 -10.47 -3.37
CA LEU A 212 -13.43 -11.53 -3.55
C LEU A 212 -13.89 -12.55 -4.59
N LYS A 213 -15.20 -12.79 -4.68
CA LYS A 213 -15.75 -13.57 -5.80
C LYS A 213 -15.34 -12.97 -7.13
N GLN A 214 -15.46 -11.64 -7.26
CA GLN A 214 -15.03 -10.94 -8.46
C GLN A 214 -13.51 -10.97 -8.63
N VAL A 215 -12.77 -10.97 -7.52
CA VAL A 215 -11.33 -11.13 -7.61
C VAL A 215 -10.98 -12.48 -8.19
N THR A 216 -11.72 -13.51 -7.78
CA THR A 216 -11.49 -14.85 -8.31
C THR A 216 -11.80 -14.91 -9.81
N GLU A 217 -12.86 -14.23 -10.24
CA GLU A 217 -13.24 -14.28 -11.66
C GLU A 217 -12.22 -13.53 -12.53
N LYS A 218 -11.67 -12.41 -12.03
CA LYS A 218 -10.65 -11.73 -12.82
C LYS A 218 -9.32 -12.48 -12.79
N LEU A 219 -9.01 -13.14 -11.68
CA LEU A 219 -7.81 -13.98 -11.64
C LEU A 219 -7.94 -15.15 -12.60
N LYS A 220 -9.13 -15.75 -12.66
CA LYS A 220 -9.38 -16.86 -13.56
C LYS A 220 -9.29 -16.43 -15.03
N GLU A 221 -9.67 -15.18 -15.33
CA GLU A 221 -9.42 -14.62 -16.67
C GLU A 221 -7.93 -14.61 -17.00
N HIS A 222 -7.07 -14.51 -15.99
CA HIS A 222 -5.63 -14.42 -16.19
C HIS A 222 -4.92 -15.75 -16.04
N PHE A 223 -5.58 -16.77 -15.53
CA PHE A 223 -4.96 -18.07 -15.33
C PHE A 223 -5.76 -19.14 -16.09
N ASN A 224 -6.15 -18.77 -17.30
CA ASN A 224 -6.85 -19.59 -18.28
C ASN A 224 -7.89 -20.50 -17.63
N ASN A 225 -8.77 -19.89 -16.84
CA ASN A 225 -10.01 -20.50 -16.38
C ASN A 225 -9.76 -21.64 -15.39
N LYS A 226 -8.60 -21.62 -14.72
CA LYS A 226 -8.34 -22.59 -13.67
C LYS A 226 -9.07 -22.18 -12.40
N THR A 227 -9.17 -23.10 -11.46
CA THR A 227 -9.90 -22.83 -10.22
C THR A 227 -9.02 -22.05 -9.26
N ILE A 228 -9.54 -20.92 -8.78
CA ILE A 228 -8.77 -19.98 -7.97
C ILE A 228 -9.04 -20.27 -6.50
N ILE A 229 -7.98 -20.55 -5.76
CA ILE A 229 -8.07 -20.94 -4.35
C ILE A 229 -7.27 -19.94 -3.53
N PHE A 230 -7.87 -19.50 -2.42
CA PHE A 230 -7.18 -18.63 -1.48
C PHE A 230 -6.76 -19.44 -0.26
N GLN A 231 -5.62 -19.08 0.31
CA GLN A 231 -5.07 -19.75 1.46
C GLN A 231 -4.35 -18.73 2.33
N PRO A 232 -4.22 -18.99 3.63
CA PRO A 232 -3.43 -18.10 4.48
C PRO A 232 -1.96 -18.26 4.16
N PRO A 233 -1.12 -17.27 4.49
CA PRO A 233 0.32 -17.47 4.34
C PRO A 233 0.76 -18.68 5.14
N SER A 234 1.53 -19.55 4.52
CA SER A 234 2.01 -20.76 5.19
C SER A 234 3.41 -20.47 5.75
N GLY A 235 3.42 -19.91 6.96
CA GLY A 235 4.65 -19.65 7.67
C GLY A 235 5.28 -18.29 7.34
N GLY A 236 6.23 -17.92 8.18
CA GLY A 236 6.94 -16.66 8.10
C GLY A 236 6.92 -15.96 9.45
N ASP A 237 7.37 -14.71 9.44
CA ASP A 237 7.26 -13.90 10.65
C ASP A 237 5.85 -13.38 10.78
N LEU A 238 5.54 -12.84 11.96
CA LEU A 238 4.19 -12.35 12.21
C LEU A 238 3.82 -11.23 11.23
N GLU A 239 4.80 -10.45 10.79
CA GLU A 239 4.51 -9.38 9.85
C GLU A 239 4.05 -9.91 8.50
N ILE A 240 4.39 -11.17 8.19
CA ILE A 240 3.93 -11.80 6.96
C ILE A 240 2.60 -12.54 7.17
N THR A 241 2.55 -13.38 8.20
CA THR A 241 1.36 -14.19 8.40
C THR A 241 0.16 -13.35 8.84
N MET A 242 0.41 -12.17 9.39
CA MET A 242 -0.65 -11.28 9.84
C MET A 242 -0.71 -10.04 8.96
N HIS A 243 -1.92 -9.52 8.80
CA HIS A 243 -2.11 -8.20 8.21
C HIS A 243 -1.75 -7.17 9.28
N THR A 244 -0.69 -6.40 9.00
CA THR A 244 -0.18 -5.41 9.92
C THR A 244 -0.40 -4.01 9.36
N PHE A 245 -0.52 -3.06 10.27
CA PHE A 245 -0.74 -1.66 9.92
C PHE A 245 -0.56 -0.87 11.20
N ASN A 246 -0.40 0.44 11.07
CA ASN A 246 -0.29 1.31 12.22
C ASN A 246 -1.56 2.14 12.35
N CYS A 247 -2.20 2.05 13.52
CA CYS A 247 -3.38 2.83 13.86
C CYS A 247 -2.99 3.72 15.04
N ARG A 248 -2.77 5.01 14.77
CA ARG A 248 -2.54 6.03 15.80
C ARG A 248 -1.28 5.75 16.61
N GLY A 249 -0.24 5.24 15.94
CA GLY A 249 1.00 4.91 16.58
C GLY A 249 1.11 3.48 17.08
N GLU A 250 0.01 2.73 17.09
CA GLU A 250 0.03 1.35 17.57
C GLU A 250 0.11 0.40 16.38
N PHE A 251 0.96 -0.61 16.50
CA PHE A 251 1.16 -1.60 15.45
C PHE A 251 0.18 -2.75 15.64
N PHE A 252 -0.73 -2.90 14.70
CA PHE A 252 -1.79 -3.89 14.78
C PHE A 252 -1.41 -5.10 13.96
N TYR A 253 -1.68 -6.29 14.50
CA TYR A 253 -1.41 -7.56 13.85
C TYR A 253 -2.71 -8.34 13.83
N CYS A 254 -3.31 -8.51 12.66
CA CYS A 254 -4.64 -9.07 12.55
C CYS A 254 -4.63 -10.35 11.73
N ASN A 255 -5.31 -11.37 12.24
CA ASN A 255 -5.44 -12.66 11.57
C ASN A 255 -6.51 -12.55 10.50
N THR A 256 -6.14 -12.82 9.24
CA THR A 256 -7.01 -12.69 8.10
C THR A 256 -7.52 -14.03 7.59
N THR A 257 -7.27 -15.13 8.31
CA THR A 257 -7.68 -16.45 7.84
C THR A 257 -9.15 -16.48 7.47
N GLN A 258 -9.99 -15.67 8.13
CA GLN A 258 -11.41 -15.63 7.78
C GLN A 258 -11.64 -14.95 6.44
N LEU A 259 -10.75 -14.04 6.04
CA LEU A 259 -10.89 -13.35 4.76
C LEU A 259 -10.51 -14.26 3.60
N PHE A 260 -9.50 -15.10 3.76
CA PHE A 260 -9.01 -15.94 2.67
C PHE A 260 -9.43 -17.39 2.86
N ASN A 261 -10.68 -17.51 3.30
CA ASN A 261 -11.51 -18.70 3.33
C ASN A 261 -12.24 -18.81 1.99
N ASN A 262 -12.51 -20.04 1.57
CA ASN A 262 -13.11 -20.25 0.25
C ASN A 262 -14.53 -20.78 0.26
N THR A 263 -15.00 -21.33 1.38
CA THR A 263 -16.39 -21.78 1.43
C THR A 263 -17.35 -20.59 1.27
N CYS A 264 -17.07 -19.49 1.97
CA CYS A 264 -17.94 -18.34 1.80
C CYS A 264 -17.82 -17.72 0.40
N ILE A 265 -16.97 -18.27 -0.47
CA ILE A 265 -16.82 -17.80 -1.85
C ILE A 265 -17.82 -18.47 -2.79
N GLY A 272 -24.04 -19.85 6.22
CA GLY A 272 -24.62 -18.70 6.90
C GLY A 272 -23.58 -17.69 7.34
N CYS A 273 -22.79 -17.23 6.36
CA CYS A 273 -21.66 -16.32 6.55
C CYS A 273 -21.87 -15.15 5.59
N ASN A 274 -22.80 -14.26 5.95
CA ASN A 274 -23.04 -13.03 5.21
C ASN A 274 -23.19 -11.82 6.13
N GLY A 275 -22.83 -11.95 7.40
CA GLY A 275 -22.88 -10.83 8.33
C GLY A 275 -21.55 -10.14 8.51
N THR A 276 -21.10 -10.01 9.76
CA THR A 276 -19.86 -9.32 10.09
C THR A 276 -18.77 -10.33 10.41
N ILE A 277 -17.69 -10.27 9.64
CA ILE A 277 -16.46 -10.98 10.00
C ILE A 277 -15.77 -10.21 11.10
N THR A 278 -15.34 -10.92 12.15
CA THR A 278 -14.59 -10.30 13.24
C THR A 278 -13.21 -10.95 13.29
N LEU A 279 -12.19 -10.18 12.97
CA LEU A 279 -10.80 -10.59 12.85
C LEU A 279 -10.07 -10.37 14.17
N PRO A 280 -9.46 -11.41 14.73
CA PRO A 280 -8.69 -11.23 15.97
C PRO A 280 -7.39 -10.48 15.72
N CYS A 281 -7.12 -9.48 16.56
CA CYS A 281 -5.96 -8.61 16.44
C CYS A 281 -5.23 -8.51 17.76
N LYS A 282 -3.95 -8.15 17.66
CA LYS A 282 -3.12 -7.90 18.83
C LYS A 282 -2.23 -6.70 18.54
N ILE A 283 -2.14 -5.80 19.50
CA ILE A 283 -1.19 -4.70 19.42
C ILE A 283 0.14 -5.21 19.96
N LYS A 284 1.17 -5.14 19.13
CA LYS A 284 2.47 -5.69 19.48
C LYS A 284 3.42 -4.56 19.84
N GLN A 285 4.14 -4.72 20.95
CA GLN A 285 5.13 -3.72 21.35
C GLN A 285 6.42 -3.93 20.59
N ILE A 286 6.77 -5.18 20.33
CA ILE A 286 8.02 -5.54 19.65
C ILE A 286 7.71 -5.94 18.23
N ILE A 287 8.35 -5.29 17.27
CA ILE A 287 8.07 -5.51 15.87
C ILE A 287 9.39 -5.71 15.14
N ASN A 288 9.31 -6.39 14.01
CA ASN A 288 10.37 -6.42 13.03
C ASN A 288 10.14 -5.28 12.04
N MET A 289 11.15 -4.43 11.88
CA MET A 289 10.99 -3.20 11.11
C MET A 289 10.91 -3.48 9.63
N TRP A 290 9.90 -2.91 8.98
CA TRP A 290 9.78 -3.10 7.54
C TRP A 290 10.91 -2.43 6.75
N GLN A 291 11.70 -1.58 7.40
CA GLN A 291 12.90 -1.04 6.79
C GLN A 291 14.00 -2.10 6.64
N GLY A 292 13.82 -3.27 7.25
CA GLY A 292 14.81 -4.32 7.22
C GLY A 292 15.88 -4.24 8.29
N THR A 293 15.88 -3.19 9.10
CA THR A 293 17.01 -2.88 9.98
C THR A 293 16.96 -3.62 11.30
N GLY A 294 15.88 -4.33 11.61
CA GLY A 294 15.87 -5.15 12.81
C GLY A 294 14.64 -5.10 13.68
N GLN A 295 14.85 -5.15 14.99
CA GLN A 295 13.77 -5.34 15.96
C GLN A 295 13.61 -4.08 16.79
N ALA A 296 12.39 -3.54 16.80
CA ALA A 296 12.06 -2.32 17.51
C ALA A 296 11.08 -2.61 18.63
N MET A 297 11.26 -1.95 19.77
CA MET A 297 10.39 -2.12 20.93
C MET A 297 9.75 -0.79 21.29
N TYR A 298 8.43 -0.79 21.39
CA TYR A 298 7.64 0.39 21.70
C TYR A 298 7.04 0.23 23.10
N ALA A 299 6.35 1.27 23.55
CA ALA A 299 5.72 1.28 24.85
C ALA A 299 4.32 0.69 24.75
N PRO A 300 3.69 0.36 25.86
CA PRO A 300 2.33 -0.19 25.80
C PRO A 300 1.36 0.83 25.21
N PRO A 301 0.24 0.37 24.67
CA PRO A 301 -0.68 1.28 23.99
C PRO A 301 -1.31 2.29 24.94
N ILE A 302 -1.81 3.38 24.34
CA ILE A 302 -2.48 4.42 25.10
C ILE A 302 -3.74 3.85 25.74
N ASP A 303 -4.15 4.45 26.85
CA ASP A 303 -5.36 4.05 27.54
C ASP A 303 -6.60 4.48 26.76
N GLY A 304 -7.67 3.69 26.88
CA GLY A 304 -8.92 3.99 26.20
C GLY A 304 -9.05 3.30 24.86
N LYS A 305 -10.08 3.71 24.12
CA LYS A 305 -10.42 3.03 22.88
C LYS A 305 -9.56 3.53 21.73
N ILE A 306 -8.93 2.62 21.01
CA ILE A 306 -8.10 2.92 19.85
C ILE A 306 -8.83 2.38 18.61
N ASN A 307 -9.42 3.29 17.83
CA ASN A 307 -10.22 2.94 16.67
C ASN A 307 -9.58 3.51 15.41
N CYS A 308 -9.72 2.75 14.31
CA CYS A 308 -9.35 3.20 12.97
C CYS A 308 -10.25 2.51 11.98
N VAL A 309 -10.91 3.28 11.12
CA VAL A 309 -11.73 2.76 10.04
C VAL A 309 -11.02 3.09 8.73
N SER A 310 -10.67 2.06 7.97
CA SER A 310 -9.90 2.24 6.75
C SER A 310 -10.62 1.59 5.57
N ASN A 311 -10.18 1.96 4.39
CA ASN A 311 -10.67 1.43 3.13
C ASN A 311 -9.71 0.37 2.64
N ILE A 312 -10.14 -0.88 2.56
CA ILE A 312 -9.40 -1.86 1.77
C ILE A 312 -9.61 -1.51 0.31
N THR A 313 -8.53 -1.14 -0.38
CA THR A 313 -8.61 -0.78 -1.77
C THR A 313 -7.80 -1.69 -2.68
N GLY A 314 -6.99 -2.57 -2.10
CA GLY A 314 -6.23 -3.51 -2.91
C GLY A 314 -5.74 -4.67 -2.07
N ILE A 315 -5.31 -5.74 -2.75
CA ILE A 315 -4.81 -6.93 -2.10
C ILE A 315 -3.46 -7.28 -2.69
N LEU A 316 -2.51 -7.62 -1.82
CA LEU A 316 -1.22 -8.14 -2.22
C LEU A 316 -1.29 -9.66 -2.17
N LEU A 317 -0.97 -10.31 -3.29
CA LEU A 317 -1.05 -11.76 -3.40
C LEU A 317 0.23 -12.31 -4.01
N THR A 318 0.70 -13.43 -3.48
CA THR A 318 1.73 -14.22 -4.14
C THR A 318 1.20 -15.62 -4.37
N ARG A 319 1.41 -16.13 -5.58
CA ARG A 319 0.82 -17.37 -6.04
C ARG A 319 1.77 -18.54 -5.78
N ASP A 320 1.20 -19.67 -5.37
CA ASP A 320 1.98 -20.87 -5.12
C ASP A 320 2.63 -21.37 -6.40
N GLY A 321 3.82 -21.95 -6.25
CA GLY A 321 4.49 -22.64 -7.33
C GLY A 321 4.20 -24.13 -7.34
N GLY A 322 4.74 -24.80 -8.35
CA GLY A 322 4.65 -26.23 -8.45
C GLY A 322 3.29 -26.78 -8.82
N ALA A 323 2.34 -25.92 -9.21
CA ALA A 323 1.00 -26.34 -9.61
C ALA A 323 0.78 -26.17 -11.12
N ASN A 324 1.83 -26.33 -11.92
CA ASN A 324 1.67 -26.15 -13.36
C ASN A 324 0.90 -27.30 -13.98
N ASN A 325 1.07 -28.52 -13.47
CA ASN A 325 0.34 -29.69 -13.92
C ASN A 325 -0.96 -29.89 -13.15
N THR A 326 -1.38 -28.89 -12.39
CA THR A 326 -2.54 -28.95 -11.52
C THR A 326 -3.75 -28.29 -12.19
N SER A 327 -4.93 -28.60 -11.67
CA SER A 327 -6.19 -27.95 -12.04
C SER A 327 -6.35 -26.56 -11.42
N ASN A 328 -5.44 -26.16 -10.54
CA ASN A 328 -5.68 -25.07 -9.61
C ASN A 328 -4.55 -24.05 -9.59
N GLU A 329 -4.86 -22.90 -8.99
CA GLU A 329 -3.90 -21.85 -8.70
C GLU A 329 -4.22 -21.42 -7.28
N THR A 330 -3.23 -21.43 -6.40
CA THR A 330 -3.49 -21.08 -5.02
C THR A 330 -2.68 -19.84 -4.64
N PHE A 331 -3.40 -18.86 -4.09
CA PHE A 331 -2.89 -17.53 -3.80
C PHE A 331 -2.96 -17.25 -2.31
N ARG A 332 -1.90 -16.65 -1.76
CA ARG A 332 -1.81 -16.29 -0.37
C ARG A 332 -1.62 -14.78 -0.23
N PRO A 333 -2.12 -14.18 0.85
CA PRO A 333 -2.02 -12.72 1.00
C PRO A 333 -0.61 -12.30 1.37
N GLY A 334 -0.19 -11.16 0.83
CA GLY A 334 1.04 -10.51 1.21
C GLY A 334 2.03 -10.44 0.06
N GLY A 335 3.15 -9.77 0.36
CA GLY A 335 4.30 -9.67 -0.52
C GLY A 335 5.52 -9.37 0.32
N GLY A 336 6.68 -9.29 -0.35
CA GLY A 336 7.93 -9.15 0.36
C GLY A 336 8.66 -7.83 0.17
N ASP A 337 7.93 -6.73 -0.01
CA ASP A 337 8.54 -5.42 -0.18
C ASP A 337 7.53 -4.28 -0.10
N MET A 338 7.74 -3.39 0.87
CA MET A 338 6.88 -2.22 1.01
C MET A 338 6.72 -1.42 -0.27
N ARG A 339 7.62 -1.61 -1.23
CA ARG A 339 7.63 -0.76 -2.41
C ARG A 339 6.35 -0.93 -3.23
N ASP A 340 5.73 -2.10 -3.18
CA ASP A 340 4.55 -2.33 -4.01
C ASP A 340 3.35 -1.54 -3.51
N ASN A 341 3.29 -1.24 -2.22
CA ASN A 341 2.28 -0.30 -1.72
C ASN A 341 2.38 1.04 -2.43
N TRP A 342 3.59 1.58 -2.55
CA TRP A 342 3.78 2.81 -3.31
C TRP A 342 3.48 2.60 -4.78
N ARG A 343 3.88 1.45 -5.32
CA ARG A 343 3.65 1.15 -6.73
C ARG A 343 2.18 1.21 -7.09
N SER A 344 1.30 0.76 -6.18
CA SER A 344 -0.10 0.67 -6.51
C SER A 344 -0.80 2.02 -6.58
N GLU A 345 -0.12 3.10 -6.19
CA GLU A 345 -0.60 4.45 -6.43
C GLU A 345 0.21 5.20 -7.47
N LEU A 346 1.42 4.75 -7.77
CA LEU A 346 2.29 5.43 -8.72
C LEU A 346 2.28 4.77 -10.09
N TYR A 347 1.48 3.74 -10.29
CA TYR A 347 1.53 2.93 -11.50
C TYR A 347 1.25 3.75 -12.76
N LYS A 348 0.39 4.76 -12.69
CA LYS A 348 0.04 5.50 -13.90
C LYS A 348 0.92 6.73 -14.09
N TYR A 349 2.04 6.82 -13.39
CA TYR A 349 2.93 7.97 -13.45
C TYR A 349 4.28 7.56 -14.01
N LYS A 350 4.92 8.51 -14.69
CA LYS A 350 6.21 8.30 -15.33
C LYS A 350 6.88 9.66 -15.49
N VAL A 351 8.14 9.76 -15.11
CA VAL A 351 8.90 10.99 -15.30
C VAL A 351 9.58 10.94 -16.65
N VAL A 352 9.56 12.06 -17.35
CA VAL A 352 10.28 12.20 -18.61
C VAL A 352 10.99 13.56 -18.62
N GLN A 353 12.11 13.61 -19.33
CA GLN A 353 12.89 14.82 -19.53
C GLN A 353 12.41 15.53 -20.79
N ILE A 354 12.16 16.83 -20.70
CA ILE A 354 11.62 17.57 -21.83
C ILE A 354 12.74 17.87 -22.83
N GLU A 355 12.57 17.37 -24.05
CA GLU A 355 13.53 17.56 -25.13
C GLU A 355 13.02 18.62 -26.11
#